data_2BS6
#
_entry.id   2BS6
#
_cell.length_a   64.127
_cell.length_b   64.127
_cell.length_c   128.121
_cell.angle_alpha   90.00
_cell.angle_beta   90.00
_cell.angle_gamma   90.00
#
_symmetry.space_group_name_H-M   'P 41 2 2'
#
loop_
_entity.id
_entity.type
_entity.pdbx_description
1 polymer LECTIN
2 branched alpha-L-fucopyranose-(1-2)-beta-D-galactopyranose-(1-2)-alpha-D-xylopyranose
3 non-polymer GLYCEROL
4 non-polymer alpha-L-fucopyranose
5 water water
#
_entity_poly.entity_id   1
_entity_poly.type   'polypeptide(L)'
_entity_poly.pdbx_seq_one_letter_code
;SSVQTAATSWGTVPSIRVYTANNGKITERCWDGKGWYTGAFNEPGDNVSVTSWLVGSAIHIRVYASTGTTTTEWCWGGNG
WTKSAYTATN
;
_entity_poly.pdbx_strand_id   A,B,C
#
# COMPACT_ATOMS: atom_id res chain seq x y z
N SER A 1 -1.55 13.04 16.71
CA SER A 1 -2.27 12.40 15.56
C SER A 1 -1.54 12.78 14.27
N SER A 2 -1.81 12.06 13.21
CA SER A 2 -1.14 12.39 11.97
C SER A 2 -2.01 12.01 10.81
N VAL A 3 -1.71 12.59 9.68
CA VAL A 3 -2.35 12.23 8.43
C VAL A 3 -1.96 10.76 8.09
N GLN A 4 -2.67 10.16 7.13
CA GLN A 4 -2.46 8.79 6.76
C GLN A 4 -2.38 8.79 5.23
N THR A 5 -1.28 8.25 4.70
CA THR A 5 -1.11 8.20 3.25
C THR A 5 -1.13 6.80 2.64
N ALA A 6 -1.38 6.80 1.33
CA ALA A 6 -1.27 5.61 0.49
C ALA A 6 -0.62 6.06 -0.82
N ALA A 7 0.14 5.18 -1.46
CA ALA A 7 0.84 5.54 -2.71
C ALA A 7 0.80 4.43 -3.74
N THR A 8 0.79 4.83 -5.00
CA THR A 8 0.90 3.94 -6.14
C THR A 8 1.76 4.61 -7.20
N SER A 9 2.32 3.78 -8.07
CA SER A 9 3.16 4.23 -9.17
C SER A 9 3.06 3.27 -10.33
N TRP A 10 3.42 3.79 -11.50
CA TRP A 10 3.44 3.02 -12.72
C TRP A 10 4.45 3.53 -13.76
N GLY A 11 4.78 2.63 -14.68
CA GLY A 11 5.83 2.85 -15.66
C GLY A 11 7.22 3.12 -15.10
N THR A 12 8.09 3.67 -15.96
CA THR A 12 9.48 3.92 -15.58
C THR A 12 9.83 5.39 -15.46
N VAL A 13 8.90 6.30 -15.78
CA VAL A 13 9.15 7.74 -15.62
C VAL A 13 9.55 8.06 -14.16
N PRO A 14 8.76 7.61 -13.16
CA PRO A 14 7.45 7.00 -13.21
C PRO A 14 6.37 8.04 -13.05
N SER A 15 5.11 7.61 -13.08
CA SER A 15 4.03 8.40 -12.50
C SER A 15 3.83 7.87 -11.09
N ILE A 16 3.54 8.79 -10.18
CA ILE A 16 3.22 8.49 -8.80
C ILE A 16 1.96 9.22 -8.35
N ARG A 17 1.09 8.56 -7.55
CA ARG A 17 -0.02 9.25 -6.92
C ARG A 17 0.06 8.96 -5.44
N VAL A 18 0.01 10.04 -4.66
CA VAL A 18 0.00 9.94 -3.22
C VAL A 18 -1.34 10.46 -2.70
N TYR A 19 -2.05 9.62 -1.95
CA TYR A 19 -3.33 9.97 -1.35
C TYR A 19 -3.11 10.22 0.15
N THR A 20 -3.69 11.30 0.65
CA THR A 20 -3.61 11.63 2.08
C THR A 20 -5.00 11.85 2.68
N ALA A 21 -5.31 11.08 3.72
CA ALA A 21 -6.45 11.32 4.60
C ALA A 21 -6.06 12.26 5.73
N ASN A 22 -6.80 13.37 5.82
CA ASN A 22 -6.46 14.48 6.68
C ASN A 22 -7.80 15.07 7.17
N ASN A 23 -8.08 14.89 8.45
CA ASN A 23 -9.32 15.45 9.04
C ASN A 23 -10.57 15.05 8.24
N GLY A 24 -10.66 13.78 7.83
CA GLY A 24 -11.86 13.23 7.22
C GLY A 24 -11.99 13.49 5.73
N LYS A 25 -10.96 14.07 5.13
CA LYS A 25 -10.92 14.30 3.69
C LYS A 25 -9.67 13.70 3.05
N ILE A 26 -9.87 13.06 1.89
CA ILE A 26 -8.74 12.49 1.15
C ILE A 26 -8.45 13.36 -0.09
N THR A 27 -7.18 13.74 -0.23
CA THR A 27 -6.72 14.50 -1.40
C THR A 27 -5.58 13.75 -2.04
N GLU A 28 -5.14 14.25 -3.19
CA GLU A 28 -4.23 13.51 -4.06
C GLU A 28 -3.13 14.44 -4.59
N ARG A 29 -1.90 13.97 -4.50
CA ARG A 29 -0.75 14.66 -5.07
C ARG A 29 -0.16 13.75 -6.16
N CYS A 30 0.25 14.36 -7.27
CA CYS A 30 0.57 13.64 -8.50
C CYS A 30 1.92 14.02 -9.05
N TRP A 31 2.66 13.02 -9.55
CA TRP A 31 3.92 13.21 -10.26
C TRP A 31 3.84 12.44 -11.60
N ASP A 32 4.14 13.12 -12.72
CA ASP A 32 4.20 12.51 -14.02
C ASP A 32 5.53 12.84 -14.71
N GLY A 33 6.53 13.22 -13.92
CA GLY A 33 7.89 13.43 -14.44
C GLY A 33 8.33 14.88 -14.40
N LYS A 34 7.39 15.80 -14.12
CA LYS A 34 7.61 17.24 -14.32
C LYS A 34 6.95 18.10 -13.23
N GLY A 35 7.11 17.67 -11.98
CA GLY A 35 6.63 18.38 -10.81
C GLY A 35 5.40 17.77 -10.15
N TRP A 36 5.26 18.03 -8.86
CA TRP A 36 4.09 17.58 -8.11
C TRP A 36 2.94 18.58 -8.24
N TYR A 37 1.76 18.05 -8.49
CA TYR A 37 0.54 18.85 -8.59
C TYR A 37 -0.64 18.22 -7.85
N THR A 38 -1.65 19.04 -7.56
CA THR A 38 -2.83 18.56 -6.89
C THR A 38 -3.73 17.85 -7.88
N GLY A 39 -4.04 16.59 -7.61
CA GLY A 39 -4.90 15.82 -8.50
C GLY A 39 -6.39 16.04 -8.37
N ALA A 40 -7.12 15.44 -9.30
CA ALA A 40 -8.57 15.57 -9.37
C ALA A 40 -9.26 14.90 -8.19
N PHE A 41 -8.60 13.91 -7.55
CA PHE A 41 -9.28 13.13 -6.52
C PHE A 41 -9.48 13.93 -5.23
N ASN A 42 -10.74 14.05 -4.79
CA ASN A 42 -11.04 14.73 -3.55
C ASN A 42 -12.33 14.14 -3.03
N GLU A 43 -12.25 13.30 -2.00
CA GLU A 43 -13.40 12.60 -1.46
C GLU A 43 -13.26 12.36 0.02
N PRO A 44 -14.38 12.17 0.72
CA PRO A 44 -14.32 11.96 2.18
C PRO A 44 -13.76 10.61 2.59
N GLY A 45 -13.02 10.63 3.68
CA GLY A 45 -12.48 9.40 4.24
C GLY A 45 -11.57 9.68 5.39
N ASP A 46 -11.58 8.81 6.40
CA ASP A 46 -10.57 8.82 7.46
C ASP A 46 -9.41 7.87 7.22
N ASN A 47 -9.55 6.99 6.22
CA ASN A 47 -8.53 6.05 5.88
C ASN A 47 -8.59 5.81 4.38
N VAL A 48 -7.41 5.62 3.77
CA VAL A 48 -7.29 5.43 2.33
C VAL A 48 -6.26 4.33 2.02
N SER A 49 -6.57 3.48 1.05
CA SER A 49 -5.60 2.63 0.39
C SER A 49 -5.83 2.71 -1.10
N VAL A 50 -4.86 2.24 -1.86
CA VAL A 50 -4.95 2.39 -3.32
C VAL A 50 -4.23 1.24 -4.00
N THR A 51 -4.67 0.90 -5.20
CA THR A 51 -3.95 -0.02 -6.06
C THR A 51 -4.21 0.44 -7.49
N SER A 52 -3.29 0.12 -8.38
CA SER A 52 -3.44 0.46 -9.77
C SER A 52 -2.81 -0.58 -10.71
N TRP A 53 -3.27 -0.61 -11.96
CA TRP A 53 -2.72 -1.51 -12.97
C TRP A 53 -2.79 -0.83 -14.32
N LEU A 54 -1.82 -1.17 -15.17
CA LEU A 54 -1.81 -0.67 -16.56
C LEU A 54 -2.49 -1.65 -17.50
N VAL A 55 -3.22 -1.09 -18.46
CA VAL A 55 -3.73 -1.82 -19.61
C VAL A 55 -3.16 -1.04 -20.81
N GLY A 56 -2.14 -1.62 -21.44
CA GLY A 56 -1.31 -0.89 -22.38
C GLY A 56 -0.70 0.31 -21.69
N SER A 57 -0.95 1.49 -22.20
CA SER A 57 -0.40 2.71 -21.58
C SER A 57 -1.41 3.42 -20.69
N ALA A 58 -2.57 2.82 -20.50
CA ALA A 58 -3.65 3.48 -19.77
C ALA A 58 -3.66 2.99 -18.33
N ILE A 59 -3.61 3.92 -17.40
CA ILE A 59 -3.62 3.58 -15.96
C ILE A 59 -5.09 3.45 -15.51
N HIS A 60 -5.29 2.44 -14.68
CA HIS A 60 -6.51 2.22 -13.95
C HIS A 60 -6.21 2.22 -12.48
N ILE A 61 -7.00 2.97 -11.72
CA ILE A 61 -6.78 3.16 -10.28
C ILE A 61 -8.04 2.88 -9.47
N ARG A 62 -7.85 2.22 -8.33
CA ARG A 62 -8.93 2.02 -7.35
C ARG A 62 -8.45 2.57 -6.03
N VAL A 63 -9.21 3.51 -5.50
CA VAL A 63 -8.96 4.08 -4.20
C VAL A 63 -10.07 3.64 -3.24
N TYR A 64 -9.67 3.11 -2.08
CA TYR A 64 -10.61 2.62 -1.07
C TYR A 64 -10.59 3.61 0.10
N ALA A 65 -11.73 4.30 0.25
CA ALA A 65 -11.90 5.39 1.22
C ALA A 65 -12.83 4.89 2.31
N SER A 66 -12.36 4.92 3.55
CA SER A 66 -13.17 4.43 4.67
C SER A 66 -13.45 5.50 5.72
N THR A 67 -14.70 5.47 6.19
CA THR A 67 -15.13 6.21 7.38
C THR A 67 -15.94 5.21 8.20
N GLY A 68 -15.67 5.12 9.50
CA GLY A 68 -16.27 4.07 10.34
C GLY A 68 -15.96 2.71 9.75
N THR A 69 -17.00 1.93 9.50
CA THR A 69 -16.93 0.62 8.91
C THR A 69 -17.37 0.62 7.44
N THR A 70 -17.55 1.81 6.86
CA THR A 70 -18.04 1.95 5.48
C THR A 70 -16.87 2.24 4.56
N THR A 71 -16.66 1.36 3.59
CA THR A 71 -15.59 1.55 2.59
C THR A 71 -16.21 1.83 1.23
N THR A 72 -15.74 2.92 0.61
CA THR A 72 -16.20 3.32 -0.74
C THR A 72 -15.03 3.10 -1.73
N GLU A 73 -15.34 2.45 -2.84
CA GLU A 73 -14.35 2.28 -3.89
C GLU A 73 -14.52 3.33 -4.97
N TRP A 74 -13.46 4.09 -5.22
CA TRP A 74 -13.45 5.12 -6.24
C TRP A 74 -12.57 4.62 -7.37
N CYS A 75 -13.05 4.85 -8.59
CA CYS A 75 -12.51 4.25 -9.79
C CYS A 75 -12.09 5.30 -10.80
N TRP A 76 -10.84 5.17 -11.26
CA TRP A 76 -10.33 5.96 -12.38
C TRP A 76 -9.96 4.99 -13.51
N GLY A 77 -10.53 5.22 -14.70
CA GLY A 77 -10.09 4.53 -15.91
C GLY A 77 -9.90 5.49 -17.11
N GLY A 78 -9.54 6.73 -16.81
CA GLY A 78 -9.05 7.67 -17.78
C GLY A 78 -10.00 8.83 -18.02
N ASN A 79 -11.20 8.75 -17.45
CA ASN A 79 -12.30 9.69 -17.81
C ASN A 79 -12.93 10.38 -16.62
N GLY A 80 -12.33 10.26 -15.44
CA GLY A 80 -12.85 10.85 -14.24
C GLY A 80 -13.01 9.81 -13.15
N TRP A 81 -13.28 10.29 -11.95
CA TRP A 81 -13.47 9.42 -10.80
C TRP A 81 -14.94 9.14 -10.51
N THR A 82 -15.31 7.89 -10.41
CA THR A 82 -16.66 7.51 -9.99
C THR A 82 -16.64 6.46 -8.91
N LYS A 83 -17.64 6.49 -8.04
CA LYS A 83 -17.75 5.44 -7.02
C LYS A 83 -18.50 4.22 -7.55
N SER A 84 -18.01 3.04 -7.16
CA SER A 84 -18.68 1.81 -7.54
C SER A 84 -19.68 1.39 -6.45
N ALA A 85 -20.32 0.23 -6.64
CA ALA A 85 -21.25 -0.28 -5.64
C ALA A 85 -20.55 -1.13 -4.57
N TYR A 86 -19.21 -1.14 -4.62
CA TYR A 86 -18.38 -1.79 -3.60
C TYR A 86 -18.94 -1.51 -2.20
N THR A 87 -19.25 -2.59 -1.48
CA THR A 87 -19.76 -2.47 -0.10
C THR A 87 -18.97 -3.43 0.75
N ALA A 88 -18.40 -2.93 1.84
CA ALA A 88 -17.64 -3.78 2.74
C ALA A 88 -18.54 -4.95 3.21
N THR A 89 -17.96 -6.17 3.18
CA THR A 89 -18.62 -7.47 3.46
C THR A 89 -19.92 -7.65 2.71
N SER B 1 -13.07 6.74 15.02
CA SER B 1 -12.29 5.54 14.62
C SER B 1 -12.83 5.02 13.30
N SER B 2 -11.96 4.41 12.52
CA SER B 2 -12.43 3.83 11.30
C SER B 2 -11.65 2.56 11.05
N VAL B 3 -12.18 1.71 10.19
CA VAL B 3 -11.44 0.53 9.75
C VAL B 3 -10.20 1.02 8.97
N GLN B 4 -9.29 0.08 8.71
CA GLN B 4 -8.03 0.38 8.04
C GLN B 4 -7.88 -0.65 6.92
N THR B 5 -7.66 -0.19 5.71
CA THR B 5 -7.54 -1.12 4.58
C THR B 5 -6.18 -1.14 3.91
N ALA B 6 -5.97 -2.20 3.13
CA ALA B 6 -4.78 -2.33 2.29
C ALA B 6 -5.26 -3.01 1.02
N ALA B 7 -4.65 -2.69 -0.11
CA ALA B 7 -5.07 -3.27 -1.40
C ALA B 7 -3.90 -3.70 -2.26
N THR B 8 -4.13 -4.73 -3.03
CA THR B 8 -3.19 -5.18 -4.08
C THR B 8 -3.95 -5.71 -5.29
N SER B 9 -3.30 -5.71 -6.44
CA SER B 9 -3.91 -6.12 -7.70
C SER B 9 -2.84 -6.69 -8.61
N TRP B 10 -3.28 -7.54 -9.56
CA TRP B 10 -2.39 -8.14 -10.53
C TRP B 10 -3.09 -8.41 -11.86
N GLY B 11 -2.27 -8.49 -12.91
CA GLY B 11 -2.76 -8.67 -14.27
C GLY B 11 -3.54 -7.46 -14.78
N THR B 12 -4.28 -7.69 -15.86
CA THR B 12 -5.03 -6.61 -16.50
C THR B 12 -6.54 -6.82 -16.41
N VAL B 13 -7.01 -7.92 -15.84
CA VAL B 13 -8.46 -8.11 -15.71
C VAL B 13 -9.12 -6.96 -14.93
N PRO B 14 -8.62 -6.61 -13.73
CA PRO B 14 -7.56 -7.22 -12.94
C PRO B 14 -8.13 -8.19 -11.93
N SER B 15 -7.24 -8.84 -11.17
CA SER B 15 -7.63 -9.35 -9.86
C SER B 15 -7.24 -8.31 -8.80
N ILE B 16 -8.13 -8.10 -7.84
CA ILE B 16 -7.88 -7.19 -6.72
C ILE B 16 -8.15 -7.92 -5.39
N ARG B 17 -7.34 -7.63 -4.37
CA ARG B 17 -7.61 -8.09 -3.02
C ARG B 17 -7.55 -6.86 -2.13
N VAL B 18 -8.61 -6.69 -1.33
CA VAL B 18 -8.70 -5.62 -0.35
C VAL B 18 -8.82 -6.22 1.05
N TYR B 19 -7.88 -5.84 1.92
CA TYR B 19 -7.83 -6.34 3.30
C TYR B 19 -8.32 -5.21 4.24
N THR B 20 -9.14 -5.59 5.23
CA THR B 20 -9.68 -4.60 6.16
C THR B 20 -9.45 -5.08 7.59
N ALA B 21 -8.74 -4.27 8.39
CA ALA B 21 -8.62 -4.46 9.84
C ALA B 21 -9.79 -3.72 10.52
N ASN B 22 -10.62 -4.47 11.26
CA ASN B 22 -11.84 -3.95 11.87
C ASN B 22 -11.91 -4.62 13.24
N ASN B 23 -11.77 -3.82 14.29
CA ASN B 23 -11.89 -4.34 15.66
C ASN B 23 -11.01 -5.58 15.92
N GLY B 24 -9.75 -5.46 15.53
CA GLY B 24 -8.74 -6.47 15.80
C GLY B 24 -8.75 -7.70 14.89
N LYS B 25 -9.59 -7.69 13.85
CA LYS B 25 -9.69 -8.79 12.90
C LYS B 25 -9.53 -8.28 11.47
N ILE B 26 -8.77 -9.03 10.70
CA ILE B 26 -8.55 -8.75 9.28
C ILE B 26 -9.29 -9.74 8.39
N THR B 27 -10.07 -9.19 7.46
CA THR B 27 -10.80 -9.97 6.49
C THR B 27 -10.45 -9.45 5.09
N GLU B 28 -10.92 -10.17 4.10
CA GLU B 28 -10.45 -10.03 2.72
C GLU B 28 -11.62 -10.06 1.77
N ARG B 29 -11.65 -9.08 0.88
CA ARG B 29 -12.58 -9.07 -0.26
C ARG B 29 -11.82 -9.16 -1.58
N CYS B 30 -12.41 -9.88 -2.54
CA CYS B 30 -11.74 -10.33 -3.74
C CYS B 30 -12.55 -10.07 -5.00
N TRP B 31 -11.84 -9.63 -6.03
CA TRP B 31 -12.36 -9.41 -7.36
C TRP B 31 -11.46 -10.16 -8.33
N ASP B 32 -12.04 -11.08 -9.10
CA ASP B 32 -11.32 -11.72 -10.21
C ASP B 32 -12.03 -11.49 -11.57
N GLY B 33 -12.82 -10.44 -11.67
CA GLY B 33 -13.44 -10.01 -12.95
C GLY B 33 -14.94 -10.32 -13.00
N LYS B 34 -15.45 -10.95 -11.96
CA LYS B 34 -16.84 -11.41 -11.97
C LYS B 34 -17.52 -11.37 -10.59
N GLY B 35 -17.38 -10.23 -9.91
CA GLY B 35 -18.00 -10.01 -8.61
C GLY B 35 -17.03 -9.99 -7.45
N TRP B 36 -17.39 -9.25 -6.42
CA TRP B 36 -16.65 -9.24 -5.13
C TRP B 36 -17.14 -10.35 -4.23
N TYR B 37 -16.18 -11.12 -3.71
CA TYR B 37 -16.49 -12.17 -2.77
C TYR B 37 -15.56 -12.13 -1.56
N THR B 38 -16.03 -12.81 -0.52
CA THR B 38 -15.29 -12.92 0.73
C THR B 38 -14.21 -13.98 0.59
N GLY B 39 -12.96 -13.57 0.75
CA GLY B 39 -11.81 -14.46 0.59
C GLY B 39 -11.47 -15.33 1.78
N ALA B 40 -10.53 -16.25 1.55
CA ALA B 40 -10.10 -17.22 2.54
C ALA B 40 -9.36 -16.55 3.67
N PHE B 41 -8.78 -15.37 3.47
CA PHE B 41 -7.96 -14.77 4.55
C PHE B 41 -8.78 -14.18 5.70
N ASN B 42 -8.52 -14.64 6.91
CA ASN B 42 -9.20 -14.16 8.10
C ASN B 42 -8.30 -14.37 9.28
N GLU B 43 -7.63 -13.33 9.74
CA GLU B 43 -6.66 -13.46 10.82
C GLU B 43 -6.63 -12.21 11.67
N PRO B 44 -6.14 -12.33 12.91
CA PRO B 44 -6.11 -11.18 13.80
C PRO B 44 -5.13 -10.07 13.40
N GLY B 45 -5.53 -8.86 13.66
CA GLY B 45 -4.70 -7.73 13.46
C GLY B 45 -5.47 -6.44 13.62
N ASP B 46 -4.79 -5.46 14.20
CA ASP B 46 -5.28 -4.10 14.22
C ASP B 46 -4.77 -3.25 13.05
N ASN B 47 -3.80 -3.77 12.31
CA ASN B 47 -3.22 -3.08 11.17
C ASN B 47 -2.84 -4.11 10.12
N VAL B 48 -3.00 -3.70 8.88
CA VAL B 48 -2.66 -4.56 7.77
C VAL B 48 -1.96 -3.82 6.61
N SER B 49 -1.00 -4.51 6.00
CA SER B 49 -0.44 -4.12 4.73
C SER B 49 -0.28 -5.36 3.90
N VAL B 50 -0.05 -5.16 2.60
CA VAL B 50 0.01 -6.30 1.67
C VAL B 50 0.93 -5.93 0.50
N THR B 51 1.58 -6.95 -0.05
CA THR B 51 2.22 -6.88 -1.34
C THR B 51 2.04 -8.22 -2.05
N SER B 52 2.18 -8.21 -3.36
CA SER B 52 2.03 -9.41 -4.14
C SER B 52 2.88 -9.31 -5.39
N TRP B 53 3.21 -10.46 -5.95
CA TRP B 53 3.97 -10.54 -7.20
C TRP B 53 3.48 -11.77 -7.95
N LEU B 54 3.56 -11.71 -9.28
CA LEU B 54 3.27 -12.84 -10.14
C LEU B 54 4.55 -13.60 -10.50
N VAL B 55 4.47 -14.93 -10.50
CA VAL B 55 5.47 -15.80 -11.12
C VAL B 55 4.69 -16.52 -12.21
N GLY B 56 4.91 -16.08 -13.45
CA GLY B 56 4.10 -16.49 -14.60
C GLY B 56 2.69 -16.02 -14.33
N SER B 57 1.74 -16.93 -14.27
CA SER B 57 0.32 -16.59 -14.02
C SER B 57 -0.09 -16.83 -12.57
N ALA B 58 0.85 -17.26 -11.74
CA ALA B 58 0.56 -17.59 -10.34
C ALA B 58 0.83 -16.42 -9.41
N ILE B 59 -0.16 -16.01 -8.64
CA ILE B 59 -0.02 -14.88 -7.72
C ILE B 59 0.58 -15.41 -6.41
N HIS B 60 1.49 -14.62 -5.86
CA HIS B 60 2.04 -14.80 -4.53
C HIS B 60 1.73 -13.55 -3.74
N ILE B 61 1.24 -13.75 -2.52
CA ILE B 61 0.81 -12.65 -1.68
C ILE B 61 1.41 -12.76 -0.28
N ARG B 62 1.77 -11.60 0.25
CA ARG B 62 2.22 -11.47 1.65
C ARG B 62 1.40 -10.40 2.35
N VAL B 63 0.77 -10.78 3.47
CA VAL B 63 -0.06 -9.90 4.26
C VAL B 63 0.63 -9.74 5.61
N TYR B 64 0.88 -8.50 6.00
CA TYR B 64 1.58 -8.20 7.26
C TYR B 64 0.52 -7.70 8.22
N ALA B 65 0.23 -8.54 9.21
CA ALA B 65 -0.82 -8.30 10.22
C ALA B 65 -0.17 -7.95 11.54
N SER B 66 -0.51 -6.78 12.11
CA SER B 66 0.11 -6.31 13.34
C SER B 66 -0.92 -6.04 14.41
N THR B 67 -0.55 -6.47 15.62
CA THR B 67 -1.25 -6.15 16.86
C THR B 67 -0.17 -5.75 17.85
N GLY B 68 -0.37 -4.61 18.51
CA GLY B 68 0.67 -4.05 19.36
C GLY B 68 1.92 -3.78 18.57
N THR B 69 3.04 -4.32 19.02
CA THR B 69 4.30 -4.22 18.28
C THR B 69 4.66 -5.52 17.55
N THR B 70 3.71 -6.46 17.50
CA THR B 70 3.98 -7.73 16.85
C THR B 70 3.38 -7.78 15.46
N THR B 71 4.23 -8.10 14.49
CA THR B 71 3.80 -8.25 13.10
C THR B 71 3.97 -9.69 12.68
N THR B 72 2.88 -10.27 12.17
CA THR B 72 2.84 -11.61 11.61
C THR B 72 2.77 -11.55 10.07
N GLU B 73 3.64 -12.29 9.41
CA GLU B 73 3.57 -12.43 7.96
C GLU B 73 2.76 -13.65 7.56
N TRP B 74 1.70 -13.41 6.77
CA TRP B 74 0.83 -14.48 6.20
C TRP B 74 1.13 -14.61 4.71
N CYS B 75 1.29 -15.85 4.28
CA CYS B 75 1.77 -16.20 2.95
C CYS B 75 0.77 -16.99 2.14
N TRP B 76 0.53 -16.51 0.91
CA TRP B 76 -0.28 -17.23 -0.06
C TRP B 76 0.62 -17.53 -1.26
N GLY B 77 0.75 -18.82 -1.60
CA GLY B 77 1.42 -19.27 -2.82
C GLY B 77 0.59 -20.21 -3.67
N GLY B 78 -0.73 -20.16 -3.53
CA GLY B 78 -1.65 -20.90 -4.37
C GLY B 78 -2.39 -22.02 -3.66
N ASN B 79 -1.96 -22.34 -2.43
CA ASN B 79 -2.46 -23.55 -1.73
C ASN B 79 -3.02 -23.31 -0.34
N GLY B 80 -3.21 -22.06 0.04
CA GLY B 80 -3.68 -21.72 1.36
C GLY B 80 -2.78 -20.68 2.01
N TRP B 81 -3.22 -20.21 3.16
CA TRP B 81 -2.54 -19.18 3.90
C TRP B 81 -1.78 -19.78 5.08
N THR B 82 -0.49 -19.51 5.16
CA THR B 82 0.29 -19.94 6.29
C THR B 82 1.08 -18.80 6.87
N LYS B 83 1.29 -18.82 8.19
CA LYS B 83 2.16 -17.78 8.78
C LYS B 83 3.61 -18.23 8.76
N SER B 84 4.50 -17.30 8.43
CA SER B 84 5.94 -17.57 8.43
C SER B 84 6.56 -17.24 9.80
N ALA B 85 7.88 -17.44 9.86
CA ALA B 85 8.67 -17.15 11.07
C ALA B 85 9.07 -15.67 11.14
N TYR B 86 8.57 -14.87 10.19
CA TYR B 86 8.79 -13.42 10.15
C TYR B 86 8.58 -12.79 11.52
N THR B 87 9.55 -12.02 11.99
CA THR B 87 9.44 -11.36 13.31
C THR B 87 10.10 -9.99 13.27
N ALA B 88 9.30 -8.92 13.32
CA ALA B 88 9.82 -7.55 13.37
C ALA B 88 10.87 -7.34 14.48
N SER C 1 -3.12 0.59 20.89
CA SER C 1 -2.59 1.08 19.59
C SER C 1 -1.67 0.03 19.03
N SER C 2 -1.43 0.09 17.74
CA SER C 2 -0.50 -0.85 17.17
C SER C 2 0.39 -0.11 16.23
N VAL C 3 1.48 -0.75 15.89
CA VAL C 3 2.35 -0.26 14.84
C VAL C 3 1.56 -0.25 13.52
N GLN C 4 2.12 0.47 12.54
CA GLN C 4 1.49 0.63 11.23
C GLN C 4 2.56 0.30 10.17
N THR C 5 2.23 -0.62 9.26
CA THR C 5 3.19 -1.05 8.25
C THR C 5 2.78 -0.72 6.80
N ALA C 6 3.76 -0.80 5.93
CA ALA C 6 3.59 -0.66 4.49
C ALA C 6 4.59 -1.61 3.86
N ALA C 7 4.26 -2.14 2.69
CA ALA C 7 5.13 -3.13 2.08
C ALA C 7 5.17 -2.91 0.58
N THR C 8 6.31 -3.27 0.00
CA THR C 8 6.52 -3.27 -1.44
C THR C 8 7.39 -4.48 -1.83
N SER C 9 7.30 -4.91 -3.10
CA SER C 9 8.03 -6.07 -3.56
C SER C 9 8.31 -5.85 -5.00
N TRP C 10 9.35 -6.52 -5.47
CA TRP C 10 9.71 -6.50 -6.88
C TRP C 10 10.35 -7.78 -7.36
N GLY C 11 10.29 -7.96 -8.66
CA GLY C 11 10.82 -9.13 -9.31
C GLY C 11 10.04 -10.38 -8.95
N THR C 12 10.67 -11.53 -9.21
CA THR C 12 10.05 -12.82 -8.93
C THR C 12 10.78 -13.64 -7.90
N VAL C 13 11.87 -13.15 -7.32
CA VAL C 13 12.55 -13.87 -6.24
C VAL C 13 11.61 -14.11 -5.05
N PRO C 14 10.93 -13.05 -4.54
CA PRO C 14 11.05 -11.62 -4.87
C PRO C 14 12.00 -10.96 -3.88
N SER C 15 12.20 -9.66 -4.04
CA SER C 15 12.63 -8.81 -2.94
C SER C 15 11.38 -8.14 -2.34
N ILE C 16 11.37 -8.00 -1.02
CA ILE C 16 10.30 -7.39 -0.28
C ILE C 16 10.92 -6.40 0.69
N ARG C 17 10.29 -5.22 0.86
CA ARG C 17 10.62 -4.30 1.93
C ARG C 17 9.39 -3.99 2.72
N VAL C 18 9.52 -4.13 4.03
CA VAL C 18 8.43 -3.87 4.95
C VAL C 18 8.86 -2.73 5.88
N TYR C 19 8.09 -1.65 5.86
CA TYR C 19 8.29 -0.46 6.69
C TYR C 19 7.31 -0.45 7.87
N THR C 20 7.83 -0.17 9.07
CA THR C 20 7.01 -0.15 10.25
C THR C 20 7.18 1.20 10.97
N ALA C 21 6.06 1.92 11.12
CA ALA C 21 5.98 3.08 11.99
C ALA C 21 5.60 2.63 13.39
N ASN C 22 6.47 2.98 14.35
CA ASN C 22 6.37 2.52 15.74
C ASN C 22 6.94 3.63 16.63
N ASN C 23 6.05 4.28 17.37
CA ASN C 23 6.44 5.30 18.36
C ASN C 23 7.18 6.46 17.71
N GLY C 24 6.66 6.89 16.57
CA GLY C 24 7.26 7.97 15.81
C GLY C 24 8.52 7.70 15.01
N LYS C 25 8.92 6.42 14.90
CA LYS C 25 10.08 6.01 14.14
C LYS C 25 9.69 4.95 13.11
N ILE C 26 10.18 5.11 11.89
CA ILE C 26 9.98 4.12 10.83
C ILE C 26 11.28 3.38 10.59
N THR C 27 11.18 2.07 10.66
CA THR C 27 12.28 1.19 10.35
C THR C 27 11.83 0.25 9.24
N GLU C 28 12.79 -0.54 8.77
CA GLU C 28 12.67 -1.31 7.54
C GLU C 28 13.23 -2.72 7.75
N ARG C 29 12.46 -3.71 7.30
CA ARG C 29 12.91 -5.09 7.22
C ARG C 29 12.93 -5.49 5.74
N CYS C 30 13.92 -6.31 5.37
CA CYS C 30 14.23 -6.60 3.95
C CYS C 30 14.41 -8.09 3.67
N TRP C 31 13.93 -8.52 2.54
CA TRP C 31 14.06 -9.90 2.04
C TRP C 31 14.53 -9.81 0.58
N ASP C 32 15.66 -10.44 0.28
CA ASP C 32 16.13 -10.59 -1.10
C ASP C 32 16.33 -12.06 -1.47
N GLY C 33 15.64 -12.95 -0.77
CA GLY C 33 15.61 -14.36 -1.11
C GLY C 33 16.40 -15.25 -0.17
N LYS C 34 17.08 -14.66 0.81
CA LYS C 34 18.03 -15.43 1.64
C LYS C 34 18.08 -14.87 3.07
N GLY C 35 16.89 -14.61 3.60
CA GLY C 35 16.71 -14.16 4.96
C GLY C 35 16.28 -12.72 5.08
N TRP C 36 15.62 -12.46 6.20
CA TRP C 36 15.17 -11.13 6.57
C TRP C 36 16.27 -10.40 7.35
N TYR C 37 16.55 -9.16 6.94
CA TYR C 37 17.53 -8.31 7.60
C TYR C 37 17.02 -6.89 7.79
N THR C 38 17.65 -6.18 8.72
CA THR C 38 17.27 -4.82 9.02
C THR C 38 17.88 -3.95 7.96
N GLY C 39 17.04 -3.14 7.34
CA GLY C 39 17.48 -2.24 6.28
C GLY C 39 18.06 -0.93 6.77
N ALA C 40 18.63 -0.21 5.82
CA ALA C 40 19.26 1.08 6.04
C ALA C 40 18.24 2.19 6.38
N PHE C 41 16.97 2.04 5.98
CA PHE C 41 15.99 3.08 6.24
C PHE C 41 15.62 3.20 7.72
N ASN C 42 15.91 4.37 8.28
CA ASN C 42 15.53 4.69 9.63
C ASN C 42 15.25 6.20 9.73
N GLU C 43 13.96 6.57 9.79
CA GLU C 43 13.58 7.99 9.77
C GLU C 43 12.36 8.24 10.60
N PRO C 44 12.20 9.48 11.08
CA PRO C 44 11.02 9.73 11.91
C PRO C 44 9.70 9.71 11.13
N GLY C 45 8.66 9.21 11.78
CA GLY C 45 7.33 9.24 11.23
C GLY C 45 6.33 8.49 12.05
N ASP C 46 5.13 9.02 12.08
CA ASP C 46 4.01 8.33 12.71
C ASP C 46 3.21 7.50 11.72
N ASN C 47 3.42 7.74 10.44
CA ASN C 47 2.71 7.06 9.39
C ASN C 47 3.62 6.88 8.21
N VAL C 48 3.48 5.74 7.54
CA VAL C 48 4.34 5.41 6.39
C VAL C 48 3.53 4.77 5.25
N SER C 49 3.83 5.18 4.02
CA SER C 49 3.43 4.40 2.83
C SER C 49 4.62 4.31 1.88
N VAL C 50 4.52 3.42 0.90
CA VAL C 50 5.65 3.15 0.04
C VAL C 50 5.16 2.76 -1.35
N THR C 51 5.95 3.12 -2.35
CA THR C 51 5.81 2.55 -3.67
C THR C 51 7.22 2.37 -4.29
N SER C 52 7.31 1.54 -5.31
CA SER C 52 8.58 1.23 -5.94
C SER C 52 8.34 0.82 -7.39
N TRP C 53 9.39 1.00 -8.21
CA TRP C 53 9.38 0.61 -9.59
C TRP C 53 10.78 0.15 -10.00
N LEU C 54 10.80 -0.76 -10.96
CA LEU C 54 12.04 -1.20 -11.59
C LEU C 54 12.35 -0.45 -12.91
N VAL C 55 13.63 -0.13 -13.07
CA VAL C 55 14.24 0.22 -14.36
C VAL C 55 15.31 -0.85 -14.60
N GLY C 56 15.03 -1.76 -15.54
CA GLY C 56 15.84 -2.96 -15.64
C GLY C 56 15.80 -3.77 -14.36
N SER C 57 16.96 -4.03 -13.77
CA SER C 57 17.00 -4.71 -12.47
C SER C 57 17.24 -3.72 -11.33
N ALA C 58 17.29 -2.43 -11.64
CA ALA C 58 17.54 -1.39 -10.63
C ALA C 58 16.21 -0.96 -9.97
N ILE C 59 16.11 -1.14 -8.67
CA ILE C 59 14.92 -0.75 -7.92
C ILE C 59 15.01 0.71 -7.55
N HIS C 60 13.87 1.39 -7.65
CA HIS C 60 13.64 2.73 -7.10
C HIS C 60 12.48 2.71 -6.13
N ILE C 61 12.72 3.29 -4.96
CA ILE C 61 11.74 3.30 -3.90
C ILE C 61 11.42 4.73 -3.45
N ARG C 62 10.13 4.97 -3.19
CA ARG C 62 9.71 6.18 -2.53
C ARG C 62 8.92 5.81 -1.28
N VAL C 63 9.39 6.31 -0.13
CA VAL C 63 8.75 6.16 1.16
C VAL C 63 8.22 7.53 1.61
N TYR C 64 6.96 7.56 2.00
CA TYR C 64 6.25 8.77 2.42
C TYR C 64 6.05 8.69 3.92
N ALA C 65 6.79 9.52 4.63
CA ALA C 65 6.80 9.47 6.09
C ALA C 65 6.07 10.69 6.60
N SER C 66 5.03 10.50 7.42
CA SER C 66 4.23 11.61 7.92
C SER C 66 4.21 11.71 9.45
N THR C 67 4.30 12.97 9.89
CA THR C 67 4.06 13.37 11.27
C THR C 67 3.18 14.63 11.23
N GLY C 68 2.08 14.65 11.97
CA GLY C 68 1.16 15.76 11.88
C GLY C 68 0.64 15.80 10.45
N THR C 69 0.71 16.98 9.83
CA THR C 69 0.33 17.14 8.43
C THR C 69 1.56 17.23 7.51
N THR C 70 2.74 16.94 8.05
CA THR C 70 3.96 17.04 7.29
C THR C 70 4.34 15.67 6.72
N THR C 71 4.44 15.61 5.40
CA THR C 71 4.82 14.40 4.72
C THR C 71 6.15 14.61 4.03
N THR C 72 7.11 13.74 4.34
CA THR C 72 8.45 13.78 3.80
C THR C 72 8.63 12.57 2.87
N GLU C 73 9.15 12.85 1.68
CA GLU C 73 9.48 11.82 0.70
C GLU C 73 10.93 11.44 0.76
N TRP C 74 11.19 10.16 0.96
CA TRP C 74 12.54 9.60 0.98
C TRP C 74 12.68 8.73 -0.26
N CYS C 75 13.83 8.90 -0.92
CA CYS C 75 14.10 8.28 -2.22
C CYS C 75 15.31 7.37 -2.15
N TRP C 76 15.14 6.14 -2.65
CA TRP C 76 16.21 5.20 -2.86
C TRP C 76 16.34 4.98 -4.36
N GLY C 77 17.58 5.11 -4.83
CA GLY C 77 17.90 4.85 -6.24
C GLY C 77 19.21 4.08 -6.41
N GLY C 78 19.60 3.34 -5.38
CA GLY C 78 20.69 2.36 -5.44
C GLY C 78 21.88 2.77 -4.61
N ASN C 79 21.85 4.01 -4.15
CA ASN C 79 23.01 4.63 -3.54
C ASN C 79 22.58 5.51 -2.37
N GLY C 80 21.77 4.94 -1.49
CA GLY C 80 21.38 5.60 -0.28
C GLY C 80 20.04 6.27 -0.39
N TRP C 81 19.49 6.59 0.77
CA TRP C 81 18.23 7.25 0.91
C TRP C 81 18.48 8.73 0.98
N THR C 82 17.70 9.52 0.25
CA THR C 82 17.84 10.98 0.27
C THR C 82 16.44 11.58 0.39
N LYS C 83 16.32 12.68 1.12
CA LYS C 83 15.05 13.35 1.25
C LYS C 83 14.87 14.24 0.03
N SER C 84 13.72 14.17 -0.63
CA SER C 84 13.43 15.15 -1.67
C SER C 84 12.80 16.40 -1.07
N ALA C 85 12.53 17.37 -1.94
CA ALA C 85 11.84 18.61 -1.58
C ALA C 85 10.30 18.47 -1.51
N TYR C 86 9.80 17.24 -1.68
CA TYR C 86 8.37 16.93 -1.62
C TYR C 86 7.70 17.61 -0.45
N THR C 87 6.52 18.16 -0.72
CA THR C 87 5.66 18.76 0.32
C THR C 87 4.21 18.38 0.07
N ALA C 88 3.43 18.24 1.13
CA ALA C 88 1.99 18.04 0.96
C ALA C 88 1.32 19.41 0.71
N THR C 89 0.25 19.39 -0.08
CA THR C 89 -0.63 20.55 -0.44
C THR C 89 -0.09 21.38 -1.60
#